data_4UW0
#
_entry.id   4UW0
#
_cell.length_a   181.290
_cell.length_b   181.290
_cell.length_c   181.290
_cell.angle_alpha   90.00
_cell.angle_beta   90.00
_cell.angle_gamma   90.00
#
_symmetry.space_group_name_H-M   'I 2 3'
#
loop_
_entity.id
_entity.type
_entity.pdbx_description
1 polymer WBDD
2 non-polymer S-ADENOSYLMETHIONINE
#
_entity_poly.entity_id   1
_entity_poly.type   'polypeptide(L)'
_entity_poly.pdbx_seq_one_letter_code
;MTKDLNTLVSELPEIYQTIFGHPEWDGDAARDCNQRLDLITEQYDNLSRALGRPLNVLDLGCAQGFFSLSLASKGATIVG
IDFQQENINVCRALAEENPDFAAEFRVGRIEEVIAALEEGEFDLAIGLSVFHHIVHLHGIDEVKRLLSRLADVTQAVILE
LAVKEEPLYWGVSQPDDPRELIEQCAFYRLIGEFDTHLSPVPRPMYLVSNHRVLINDFNQPFQHWQNQPYAGAGLAHKRS
RRYFFGEDYVCKFFYYDMPHGILTAEESQRNKHELHNEIKFLTQPPAGFDAPAVLAHGENAQSGWLVMEKLPGRLLSDML
AAGEEIDREKILGSLLRSLAALEKKGFWHDDVRPWNVMVDARQHARLIDFGSIVTTPQDCSWPTNLVQSFFVFVNELFAE
NKSWNGFWRSAPVHPFNLPQPWSNWLYAVWQEPVERWNFALLLALFEKKAKLPSAEQQRGATEQWIIAQETVLLELQSRV
RNESAGSEALRGQIHTLEQQMAQLQ
;
_entity_poly.pdbx_strand_id   A
#
loop_
_chem_comp.id
_chem_comp.type
_chem_comp.name
_chem_comp.formula
SAM non-polymer S-ADENOSYLMETHIONINE 'C15 H22 N6 O5 S'
#
# COMPACT_ATOMS: atom_id res chain seq x y z
N LEU A 5 -28.02 -19.64 -38.27
CA LEU A 5 -27.77 -18.87 -37.01
C LEU A 5 -27.78 -19.80 -35.82
N ASN A 6 -28.98 -20.32 -35.52
CA ASN A 6 -29.16 -21.32 -34.48
C ASN A 6 -28.21 -22.48 -34.76
N THR A 7 -28.15 -22.85 -36.04
CA THR A 7 -27.27 -23.91 -36.55
C THR A 7 -25.78 -23.63 -36.31
N LEU A 8 -25.38 -22.37 -36.49
CA LEU A 8 -24.00 -21.92 -36.27
C LEU A 8 -23.63 -21.99 -34.79
N VAL A 9 -24.63 -21.79 -33.95
CA VAL A 9 -24.46 -21.80 -32.48
C VAL A 9 -24.06 -23.16 -31.93
N SER A 10 -24.72 -24.20 -32.43
CA SER A 10 -24.39 -25.57 -32.07
C SER A 10 -23.15 -26.04 -32.79
N GLU A 11 -22.96 -25.51 -34.00
CA GLU A 11 -21.74 -25.74 -34.77
C GLU A 11 -20.55 -25.43 -33.88
N LEU A 12 -20.73 -24.37 -33.08
CA LEU A 12 -19.87 -24.07 -31.93
C LEU A 12 -19.42 -25.34 -31.18
N PRO A 13 -18.24 -25.31 -30.51
CA PRO A 13 -17.79 -26.62 -30.03
C PRO A 13 -18.14 -26.97 -28.57
N GLU A 14 -17.90 -26.03 -27.66
CA GLU A 14 -17.99 -26.28 -26.24
C GLU A 14 -18.54 -25.03 -25.60
N ILE A 15 -19.82 -25.07 -25.24
CA ILE A 15 -20.53 -23.87 -24.83
C ILE A 15 -20.13 -23.55 -23.40
N TYR A 16 -18.98 -22.90 -23.24
CA TYR A 16 -18.46 -22.55 -21.91
C TYR A 16 -19.36 -21.50 -21.27
N GLN A 17 -19.89 -20.59 -22.10
CA GLN A 17 -20.68 -19.48 -21.62
C GLN A 17 -22.16 -19.72 -21.85
N THR A 18 -22.97 -18.74 -21.46
CA THR A 18 -24.36 -18.69 -21.86
C THR A 18 -24.45 -17.84 -23.11
N ILE A 19 -25.19 -18.33 -24.09
CA ILE A 19 -25.48 -17.53 -25.27
C ILE A 19 -26.46 -16.42 -24.88
N PHE A 20 -26.15 -15.20 -25.30
CA PHE A 20 -26.86 -14.02 -24.82
C PHE A 20 -28.11 -13.69 -25.62
N GLY A 21 -29.25 -13.65 -24.93
CA GLY A 21 -30.53 -13.27 -25.54
C GLY A 21 -31.56 -14.37 -25.44
N HIS A 22 -31.17 -15.60 -25.75
CA HIS A 22 -32.06 -16.75 -25.57
C HIS A 22 -31.57 -17.67 -24.47
N PRO A 23 -32.52 -18.17 -23.67
CA PRO A 23 -32.25 -18.99 -22.50
C PRO A 23 -32.34 -20.50 -22.79
N GLU A 24 -32.55 -20.87 -24.05
CA GLU A 24 -32.77 -22.27 -24.43
C GLU A 24 -31.56 -23.19 -24.23
N TRP A 25 -30.36 -22.65 -24.39
CA TRP A 25 -29.12 -23.43 -24.22
C TRP A 25 -28.48 -23.27 -22.85
N ASP A 26 -29.13 -22.52 -21.97
CA ASP A 26 -28.62 -22.29 -20.63
C ASP A 26 -28.52 -23.62 -19.89
N GLY A 27 -29.45 -24.53 -20.21
CA GLY A 27 -29.44 -25.88 -19.67
C GLY A 27 -28.24 -26.70 -20.09
N ASP A 28 -27.92 -26.69 -21.38
CA ASP A 28 -26.79 -27.48 -21.90
C ASP A 28 -25.47 -26.99 -21.29
N ALA A 29 -24.38 -27.05 -22.05
CA ALA A 29 -23.05 -26.70 -21.52
C ALA A 29 -23.07 -25.32 -20.89
N ALA A 30 -22.24 -25.13 -19.88
CA ALA A 30 -22.19 -23.86 -19.20
C ALA A 30 -21.18 -23.82 -18.06
N ARG A 31 -20.98 -22.58 -17.60
CA ARG A 31 -20.71 -22.29 -16.21
C ARG A 31 -21.62 -21.13 -15.83
N ASP A 32 -21.92 -21.02 -14.53
CA ASP A 32 -22.89 -20.05 -13.99
C ASP A 32 -22.98 -18.73 -14.78
N CYS A 33 -21.82 -18.12 -15.03
CA CYS A 33 -21.67 -16.92 -15.87
C CYS A 33 -22.39 -15.65 -15.38
N ASN A 34 -23.67 -15.75 -15.05
CA ASN A 34 -24.48 -14.59 -14.71
C ASN A 34 -24.08 -13.84 -13.45
N GLN A 35 -23.47 -14.52 -12.47
CA GLN A 35 -23.11 -13.85 -11.22
C GLN A 35 -21.95 -12.91 -11.43
N ARG A 36 -20.94 -13.43 -12.11
CA ARG A 36 -19.70 -12.71 -12.31
C ARG A 36 -20.07 -11.39 -12.95
N LEU A 37 -20.96 -11.46 -13.93
CA LEU A 37 -21.50 -10.28 -14.58
C LEU A 37 -21.91 -9.25 -13.54
N ASP A 38 -22.70 -9.66 -12.55
CA ASP A 38 -23.26 -8.73 -11.56
C ASP A 38 -22.20 -7.91 -10.83
N LEU A 39 -21.08 -8.53 -10.47
CA LEU A 39 -20.02 -7.82 -9.76
C LEU A 39 -19.27 -6.87 -10.65
N ILE A 40 -19.03 -7.33 -11.87
CA ILE A 40 -18.32 -6.54 -12.86
C ILE A 40 -19.14 -5.30 -13.15
N THR A 41 -20.45 -5.50 -13.23
CA THR A 41 -21.40 -4.42 -13.46
C THR A 41 -21.24 -3.38 -12.38
N GLU A 42 -21.33 -3.84 -11.13
CA GLU A 42 -21.20 -2.95 -9.99
C GLU A 42 -19.97 -2.11 -10.20
N GLN A 43 -18.85 -2.79 -10.44
CA GLN A 43 -17.57 -2.11 -10.59
C GLN A 43 -17.56 -1.10 -11.72
N TYR A 44 -18.12 -1.47 -12.86
CA TYR A 44 -18.19 -0.58 -14.00
C TYR A 44 -18.94 0.68 -13.60
N ASP A 45 -20.13 0.49 -13.04
CA ASP A 45 -21.00 1.61 -12.70
C ASP A 45 -20.26 2.60 -11.81
N ASN A 46 -19.67 2.08 -10.73
CA ASN A 46 -18.97 2.91 -9.77
C ASN A 46 -17.83 3.66 -10.42
N LEU A 47 -17.11 2.96 -11.29
CA LEU A 47 -15.97 3.55 -11.96
C LEU A 47 -16.42 4.68 -12.87
N SER A 48 -17.40 4.39 -13.71
CA SER A 48 -17.88 5.32 -14.70
C SER A 48 -18.41 6.60 -14.06
N ARG A 49 -19.23 6.45 -13.02
CA ARG A 49 -19.79 7.61 -12.33
C ARG A 49 -18.65 8.50 -11.86
N ALA A 50 -17.59 7.87 -11.38
CA ALA A 50 -16.48 8.55 -10.71
C ALA A 50 -15.63 9.42 -11.63
N LEU A 51 -15.52 9.03 -12.89
CA LEU A 51 -14.79 9.83 -13.89
C LEU A 51 -15.76 10.72 -14.68
N GLY A 52 -16.96 10.23 -14.92
CA GLY A 52 -18.05 11.02 -15.51
C GLY A 52 -18.30 10.76 -16.98
N ARG A 53 -18.36 9.47 -17.36
CA ARG A 53 -18.71 9.06 -18.73
C ARG A 53 -18.75 7.53 -18.88
N PRO A 54 -19.35 7.02 -19.98
CA PRO A 54 -19.24 5.60 -20.31
C PRO A 54 -17.81 5.19 -20.65
N LEU A 55 -17.59 3.89 -20.79
CA LEU A 55 -16.25 3.34 -20.80
C LEU A 55 -15.99 2.37 -21.95
N ASN A 56 -14.74 2.35 -22.40
CA ASN A 56 -14.28 1.35 -23.37
C ASN A 56 -13.86 0.07 -22.65
N VAL A 57 -14.22 -1.07 -23.24
CA VAL A 57 -14.02 -2.37 -22.59
C VAL A 57 -13.31 -3.38 -23.49
N LEU A 58 -12.44 -4.16 -22.88
CA LEU A 58 -11.69 -5.20 -23.57
C LEU A 58 -12.02 -6.57 -23.01
N ASP A 59 -12.84 -7.33 -23.72
CA ASP A 59 -13.21 -8.65 -23.25
C ASP A 59 -12.16 -9.63 -23.77
N LEU A 60 -11.00 -9.60 -23.13
CA LEU A 60 -9.92 -10.53 -23.45
C LEU A 60 -10.33 -11.93 -23.06
N GLY A 61 -10.50 -12.79 -24.06
CA GLY A 61 -11.08 -14.11 -23.86
C GLY A 61 -12.55 -13.93 -23.53
N CYS A 62 -13.40 -14.03 -24.54
CA CYS A 62 -14.83 -13.77 -24.36
C CYS A 62 -15.70 -14.97 -24.66
N ALA A 63 -15.14 -15.94 -25.41
CA ALA A 63 -15.86 -17.12 -25.86
C ALA A 63 -17.14 -16.73 -26.61
N GLN A 64 -18.31 -16.89 -25.97
CA GLN A 64 -19.59 -16.64 -26.62
C GLN A 64 -20.02 -15.17 -26.50
N GLY A 65 -19.06 -14.31 -26.23
CA GLY A 65 -19.28 -12.86 -26.13
C GLY A 65 -20.40 -12.48 -25.20
N PHE A 66 -20.61 -13.30 -24.17
CA PHE A 66 -21.73 -13.07 -23.28
C PHE A 66 -21.52 -11.79 -22.49
N PHE A 67 -20.37 -11.70 -21.84
CA PHE A 67 -20.08 -10.58 -20.95
C PHE A 67 -20.05 -9.26 -21.70
N SER A 68 -19.44 -9.29 -22.88
CA SER A 68 -19.32 -8.11 -23.71
C SER A 68 -20.70 -7.50 -23.92
N LEU A 69 -21.58 -8.32 -24.47
CA LEU A 69 -22.90 -7.88 -24.88
C LEU A 69 -23.67 -7.35 -23.71
N SER A 70 -23.55 -8.06 -22.59
CA SER A 70 -24.22 -7.67 -21.35
C SER A 70 -23.70 -6.30 -20.88
N LEU A 71 -22.44 -5.99 -21.19
CA LEU A 71 -21.88 -4.69 -20.83
C LEU A 71 -22.28 -3.64 -21.84
N ALA A 72 -22.19 -4.02 -23.12
CA ALA A 72 -22.57 -3.14 -24.23
C ALA A 72 -24.03 -2.73 -24.11
N SER A 73 -24.82 -3.58 -23.45
CA SER A 73 -26.22 -3.31 -23.21
C SER A 73 -26.43 -2.12 -22.27
N LYS A 74 -25.36 -1.68 -21.62
CA LYS A 74 -25.45 -0.55 -20.71
C LYS A 74 -24.61 0.65 -21.16
N GLY A 75 -24.28 0.68 -22.44
CA GLY A 75 -23.55 1.82 -23.01
C GLY A 75 -22.06 1.63 -22.82
N ALA A 76 -21.53 0.61 -23.48
CA ALA A 76 -20.11 0.30 -23.43
C ALA A 76 -19.63 -0.15 -24.81
N THR A 77 -18.41 0.22 -25.14
CA THR A 77 -17.78 -0.22 -26.38
C THR A 77 -16.84 -1.38 -26.07
N ILE A 78 -17.07 -2.48 -26.76
CA ILE A 78 -16.32 -3.69 -26.51
C ILE A 78 -15.63 -4.18 -27.75
N VAL A 79 -14.38 -4.58 -27.58
CA VAL A 79 -13.65 -5.26 -28.62
C VAL A 79 -13.26 -6.63 -28.07
N GLY A 80 -14.21 -7.57 -28.13
CA GLY A 80 -14.01 -8.90 -27.57
C GLY A 80 -13.03 -9.73 -28.38
N ILE A 81 -12.14 -10.43 -27.69
CA ILE A 81 -11.07 -11.22 -28.34
C ILE A 81 -11.09 -12.66 -27.84
N ASP A 82 -11.24 -13.59 -28.76
CA ASP A 82 -11.14 -15.03 -28.49
C ASP A 82 -10.44 -15.53 -29.73
N PHE A 83 -9.27 -16.12 -29.57
CA PHE A 83 -8.46 -16.56 -30.72
C PHE A 83 -9.11 -17.61 -31.64
N GLN A 84 -9.90 -18.52 -31.04
CA GLN A 84 -10.52 -19.61 -31.78
C GLN A 84 -11.71 -18.97 -32.46
N GLN A 85 -12.14 -19.62 -33.54
CA GLN A 85 -12.99 -18.99 -34.54
C GLN A 85 -14.48 -19.03 -34.19
N GLU A 86 -14.97 -20.24 -33.97
CA GLU A 86 -16.41 -20.51 -33.85
C GLU A 86 -17.05 -19.62 -32.78
N ASN A 87 -16.35 -19.50 -31.65
CA ASN A 87 -16.79 -18.68 -30.52
C ASN A 87 -17.03 -17.24 -30.94
N ILE A 88 -16.15 -16.73 -31.80
CA ILE A 88 -16.27 -15.36 -32.28
C ILE A 88 -17.46 -15.21 -33.23
N ASN A 89 -17.52 -16.08 -34.24
CA ASN A 89 -18.59 -16.01 -35.23
C ASN A 89 -19.93 -15.79 -34.59
N VAL A 90 -20.26 -16.68 -33.66
CA VAL A 90 -21.57 -16.69 -33.02
C VAL A 90 -21.81 -15.47 -32.15
N CYS A 91 -20.75 -14.97 -31.53
CA CYS A 91 -20.89 -13.83 -30.62
C CYS A 91 -20.98 -12.52 -31.40
N ARG A 92 -20.35 -12.47 -32.58
CA ARG A 92 -20.53 -11.34 -33.49
C ARG A 92 -21.96 -11.33 -34.03
N ALA A 93 -22.51 -12.52 -34.22
CA ALA A 93 -23.89 -12.69 -34.67
C ALA A 93 -24.84 -12.28 -33.55
N LEU A 94 -24.49 -12.68 -32.32
CA LEU A 94 -25.23 -12.27 -31.13
C LEU A 94 -25.15 -10.76 -30.97
N ALA A 95 -24.03 -10.20 -31.38
CA ALA A 95 -23.84 -8.75 -31.40
C ALA A 95 -24.83 -8.07 -32.35
N GLU A 96 -25.05 -8.68 -33.51
CA GLU A 96 -25.92 -8.10 -34.51
C GLU A 96 -27.39 -8.18 -34.13
N GLU A 97 -27.74 -9.20 -33.36
CA GLU A 97 -29.12 -9.39 -32.90
C GLU A 97 -29.60 -8.15 -32.18
N ASN A 98 -28.77 -7.66 -31.28
CA ASN A 98 -29.04 -6.43 -30.57
C ASN A 98 -28.15 -5.33 -31.14
N PRO A 99 -28.66 -4.61 -32.16
CA PRO A 99 -27.84 -3.69 -32.95
C PRO A 99 -27.29 -2.53 -32.16
N ASP A 100 -28.04 -2.08 -31.15
CA ASP A 100 -27.66 -0.91 -30.37
C ASP A 100 -26.44 -1.14 -29.48
N PHE A 101 -25.99 -2.39 -29.36
CA PHE A 101 -24.86 -2.69 -28.51
C PHE A 101 -23.55 -2.60 -29.30
N ALA A 102 -22.77 -1.57 -28.98
CA ALA A 102 -21.53 -1.25 -29.67
C ALA A 102 -20.42 -2.21 -29.23
N ALA A 103 -20.27 -3.28 -29.99
CA ALA A 103 -19.24 -4.28 -29.71
C ALA A 103 -18.72 -4.78 -31.03
N GLU A 104 -17.39 -4.88 -31.14
CA GLU A 104 -16.76 -5.19 -32.41
C GLU A 104 -16.45 -6.68 -32.54
N PHE A 105 -15.56 -7.17 -31.69
CA PHE A 105 -15.05 -8.53 -31.73
C PHE A 105 -14.08 -8.86 -32.86
N ARG A 106 -13.18 -9.80 -32.58
CA ARG A 106 -12.25 -10.34 -33.59
C ARG A 106 -11.47 -11.54 -33.06
N VAL A 107 -11.07 -12.42 -33.97
CA VAL A 107 -10.24 -13.59 -33.65
C VAL A 107 -8.75 -13.22 -33.68
N GLY A 108 -8.07 -13.49 -32.56
CA GLY A 108 -6.63 -13.27 -32.46
C GLY A 108 -6.13 -13.61 -31.08
N ARG A 109 -4.82 -13.85 -30.95
CA ARG A 109 -4.26 -14.33 -29.70
C ARG A 109 -3.89 -13.19 -28.75
N ILE A 110 -4.43 -13.26 -27.53
CA ILE A 110 -4.40 -12.15 -26.57
C ILE A 110 -3.05 -11.46 -26.45
N GLU A 111 -2.01 -12.27 -26.33
CA GLU A 111 -0.65 -11.75 -26.15
C GLU A 111 -0.33 -10.61 -27.14
N GLU A 112 -0.63 -10.82 -28.42
CA GLU A 112 -0.29 -9.85 -29.45
C GLU A 112 -1.29 -8.71 -29.52
N VAL A 113 -2.52 -8.98 -29.11
CA VAL A 113 -3.56 -7.96 -29.14
C VAL A 113 -3.30 -6.99 -27.98
N ILE A 114 -2.69 -7.49 -26.91
CA ILE A 114 -2.26 -6.63 -25.81
C ILE A 114 -1.13 -5.74 -26.27
N ALA A 115 -0.14 -6.34 -26.94
CA ALA A 115 1.01 -5.59 -27.43
C ALA A 115 0.55 -4.35 -28.18
N ALA A 116 -0.53 -4.48 -28.93
CA ALA A 116 -1.05 -3.41 -29.77
C ALA A 116 -2.10 -2.57 -29.03
N LEU A 117 -1.66 -1.86 -28.00
CA LEU A 117 -2.55 -1.03 -27.20
C LEU A 117 -1.98 0.36 -26.95
N GLU A 118 -2.82 1.24 -26.42
CA GLU A 118 -2.41 2.60 -26.12
C GLU A 118 -2.63 2.94 -24.66
N GLU A 119 -1.82 3.90 -24.19
CA GLU A 119 -1.80 4.36 -22.80
C GLU A 119 -3.19 4.60 -22.21
N GLY A 120 -4.11 5.10 -23.03
CA GLY A 120 -5.49 5.35 -22.61
C GLY A 120 -6.54 4.97 -23.65
N GLU A 121 -6.22 3.99 -24.50
CA GLU A 121 -7.14 3.52 -25.52
C GLU A 121 -8.40 2.94 -24.86
N PHE A 122 -8.16 2.05 -23.91
CA PHE A 122 -9.23 1.42 -23.15
C PHE A 122 -9.20 1.85 -21.69
N ASP A 123 -10.36 1.75 -21.06
CA ASP A 123 -10.50 2.07 -19.64
C ASP A 123 -10.69 0.82 -18.80
N LEU A 124 -10.83 -0.33 -19.46
CA LEU A 124 -11.19 -1.57 -18.77
C LEU A 124 -10.88 -2.80 -19.59
N ALA A 125 -10.32 -3.80 -18.93
CA ALA A 125 -10.06 -5.09 -19.54
C ALA A 125 -10.56 -6.21 -18.66
N ILE A 126 -11.02 -7.27 -19.30
CA ILE A 126 -11.62 -8.41 -18.61
C ILE A 126 -10.79 -9.65 -18.90
N GLY A 127 -10.40 -10.35 -17.84
CA GLY A 127 -9.58 -11.55 -18.02
C GLY A 127 -10.13 -12.68 -17.19
N LEU A 128 -11.30 -13.15 -17.59
CA LEU A 128 -12.03 -14.13 -16.80
C LEU A 128 -11.74 -15.55 -17.29
N SER A 129 -10.98 -16.28 -16.48
CA SER A 129 -10.70 -17.70 -16.73
C SER A 129 -10.05 -17.91 -18.09
N VAL A 130 -8.93 -17.25 -18.32
CA VAL A 130 -8.30 -17.25 -19.65
C VAL A 130 -6.78 -17.41 -19.65
N PHE A 131 -6.10 -16.78 -18.69
CA PHE A 131 -4.64 -16.70 -18.69
C PHE A 131 -3.95 -17.99 -18.32
N HIS A 132 -4.64 -18.84 -17.56
CA HIS A 132 -4.06 -20.10 -17.09
C HIS A 132 -3.61 -20.98 -18.27
N HIS A 133 -4.30 -20.83 -19.40
CA HIS A 133 -3.90 -21.54 -20.62
C HIS A 133 -2.65 -20.89 -21.21
N ILE A 134 -2.58 -19.56 -21.15
CA ILE A 134 -1.42 -18.81 -21.64
C ILE A 134 -0.18 -19.16 -20.87
N VAL A 135 -0.25 -19.01 -19.55
CA VAL A 135 0.90 -19.31 -18.69
C VAL A 135 1.37 -20.77 -18.88
N HIS A 136 0.44 -21.68 -19.16
CA HIS A 136 0.80 -23.06 -19.49
C HIS A 136 1.64 -23.11 -20.76
N LEU A 137 1.23 -22.32 -21.75
CA LEU A 137 1.95 -22.24 -23.02
C LEU A 137 3.31 -21.55 -22.88
N HIS A 138 3.29 -20.35 -22.31
CA HIS A 138 4.51 -19.53 -22.18
C HIS A 138 5.18 -19.74 -20.82
N GLY A 139 4.63 -19.15 -19.77
CA GLY A 139 5.22 -19.23 -18.44
C GLY A 139 4.86 -18.05 -17.56
N ILE A 140 4.99 -18.23 -16.24
CA ILE A 140 4.68 -17.18 -15.25
C ILE A 140 5.41 -15.87 -15.57
N ASP A 141 6.69 -15.99 -15.87
CA ASP A 141 7.57 -14.83 -16.07
C ASP A 141 7.03 -13.98 -17.22
N GLU A 142 6.59 -14.67 -18.26
CA GLU A 142 6.07 -14.03 -19.45
C GLU A 142 4.77 -13.28 -19.14
N VAL A 143 3.78 -14.03 -18.66
CA VAL A 143 2.41 -13.51 -18.44
C VAL A 143 2.41 -12.25 -17.60
N LYS A 144 3.26 -12.23 -16.57
CA LYS A 144 3.34 -11.10 -15.64
C LYS A 144 3.48 -9.75 -16.33
N ARG A 145 4.29 -9.70 -17.38
CA ARG A 145 4.51 -8.47 -18.14
C ARG A 145 3.27 -8.04 -18.94
N LEU A 146 2.57 -9.02 -19.49
CA LEU A 146 1.34 -8.75 -20.26
C LEU A 146 0.40 -7.98 -19.38
N LEU A 147 0.18 -8.54 -18.20
CA LEU A 147 -0.77 -7.99 -17.25
C LEU A 147 -0.28 -6.63 -16.78
N SER A 148 1.01 -6.54 -16.50
CA SER A 148 1.60 -5.30 -15.99
C SER A 148 1.42 -4.15 -16.98
N ARG A 149 1.65 -4.44 -18.26
CA ARG A 149 1.45 -3.44 -19.31
C ARG A 149 -0.03 -3.24 -19.59
N LEU A 150 -0.82 -4.25 -19.33
CA LEU A 150 -2.27 -4.15 -19.50
C LEU A 150 -2.88 -3.17 -18.50
N ALA A 151 -2.33 -3.13 -17.29
CA ALA A 151 -2.79 -2.18 -16.28
C ALA A 151 -2.36 -0.76 -16.65
N ASP A 152 -1.18 -0.66 -17.26
CA ASP A 152 -0.61 0.62 -17.67
C ASP A 152 -1.37 1.26 -18.83
N VAL A 153 -1.83 0.44 -19.78
CA VAL A 153 -2.50 0.95 -20.99
C VAL A 153 -3.98 1.24 -20.80
N THR A 154 -4.54 0.77 -19.70
CA THR A 154 -5.98 0.85 -19.51
C THR A 154 -6.33 1.86 -18.44
N GLN A 155 -6.55 1.36 -17.23
CA GLN A 155 -6.98 2.15 -16.07
C GLN A 155 -7.64 1.27 -15.00
N ALA A 156 -8.00 0.04 -15.35
CA ALA A 156 -8.40 -0.96 -14.38
C ALA A 156 -8.69 -2.28 -15.06
N VAL A 157 -8.10 -3.35 -14.54
CA VAL A 157 -8.27 -4.68 -15.11
C VAL A 157 -8.81 -5.63 -14.06
N ILE A 158 -9.87 -6.35 -14.41
CA ILE A 158 -10.39 -7.42 -13.55
C ILE A 158 -10.18 -8.79 -14.18
N LEU A 159 -9.77 -9.71 -13.31
CA LEU A 159 -9.33 -11.02 -13.74
C LEU A 159 -9.89 -12.11 -12.87
N GLU A 160 -9.97 -13.30 -13.47
CA GLU A 160 -10.33 -14.47 -12.72
C GLU A 160 -9.30 -15.54 -13.04
N LEU A 161 -8.51 -15.88 -12.03
CA LEU A 161 -7.37 -16.78 -12.22
C LEU A 161 -7.61 -18.20 -11.73
N ALA A 162 -7.17 -19.17 -12.51
CA ALA A 162 -7.23 -20.57 -12.13
C ALA A 162 -6.00 -20.95 -11.32
N VAL A 163 -6.22 -21.45 -10.11
CA VAL A 163 -5.12 -21.81 -9.21
C VAL A 163 -4.52 -23.17 -9.59
N LYS A 164 -3.23 -23.31 -9.30
CA LYS A 164 -2.41 -24.50 -9.61
C LYS A 164 -2.97 -25.80 -9.03
N GLU A 165 -3.83 -25.68 -8.03
CA GLU A 165 -4.32 -26.84 -7.29
C GLU A 165 -5.56 -27.42 -7.95
N GLU A 166 -5.59 -27.42 -9.27
CA GLU A 166 -6.75 -27.89 -10.01
C GLU A 166 -6.40 -29.17 -10.76
N PRO A 167 -7.41 -30.02 -11.02
CA PRO A 167 -7.16 -31.34 -11.61
C PRO A 167 -6.54 -31.30 -13.00
N LEU A 168 -7.00 -30.35 -13.83
CA LEU A 168 -6.63 -30.31 -15.24
C LEU A 168 -5.11 -30.16 -15.42
N TYR A 169 -4.59 -30.89 -16.41
CA TYR A 169 -3.15 -31.02 -16.69
C TYR A 169 -2.36 -29.72 -16.50
N TRP A 170 -2.91 -28.63 -17.03
CA TRP A 170 -2.21 -27.35 -17.05
C TRP A 170 -1.86 -26.88 -15.65
N GLY A 171 -2.71 -27.23 -14.68
CA GLY A 171 -2.51 -26.89 -13.27
C GLY A 171 -1.05 -26.89 -12.83
N VAL A 172 -0.34 -27.97 -13.17
CA VAL A 172 1.04 -28.16 -12.72
C VAL A 172 1.99 -27.03 -13.13
N SER A 173 1.69 -26.36 -14.25
CA SER A 173 2.53 -25.29 -14.80
C SER A 173 2.32 -23.94 -14.14
N GLN A 174 1.09 -23.65 -13.72
CA GLN A 174 0.73 -22.35 -13.14
C GLN A 174 1.32 -22.26 -11.74
N PRO A 175 1.33 -21.04 -11.16
CA PRO A 175 1.90 -20.87 -9.83
C PRO A 175 0.97 -21.35 -8.74
N ASP A 176 1.56 -21.87 -7.66
CA ASP A 176 0.79 -22.36 -6.50
C ASP A 176 -0.19 -21.31 -5.98
N ASP A 177 0.20 -20.05 -6.08
CA ASP A 177 -0.68 -18.93 -5.78
C ASP A 177 -0.88 -18.10 -7.05
N PRO A 178 -2.13 -17.92 -7.48
CA PRO A 178 -2.45 -17.09 -8.65
C PRO A 178 -2.18 -15.61 -8.41
N ARG A 179 -2.01 -15.23 -7.15
CA ARG A 179 -1.68 -13.86 -6.78
C ARG A 179 -0.27 -13.47 -7.24
N GLU A 180 0.53 -14.46 -7.62
CA GLU A 180 1.88 -14.23 -8.10
C GLU A 180 1.91 -13.59 -9.48
N LEU A 181 0.79 -13.66 -10.19
CA LEU A 181 0.69 -13.18 -11.57
C LEU A 181 0.29 -11.72 -11.67
N ILE A 182 0.12 -11.07 -10.53
CA ILE A 182 -0.45 -9.73 -10.46
C ILE A 182 0.39 -8.76 -9.65
N GLU A 183 1.01 -9.30 -8.59
CA GLU A 183 1.75 -8.52 -7.59
C GLU A 183 2.55 -7.35 -8.16
N GLN A 184 3.15 -7.53 -9.33
CA GLN A 184 3.98 -6.50 -9.97
C GLN A 184 3.28 -5.18 -10.17
N CYS A 185 1.94 -5.20 -10.17
CA CYS A 185 1.17 -4.00 -10.39
C CYS A 185 1.00 -3.21 -9.09
N ALA A 186 0.44 -2.01 -9.23
CA ALA A 186 0.32 -1.07 -8.14
C ALA A 186 -0.78 -1.47 -7.17
N PHE A 187 -2.03 -1.38 -7.63
CA PHE A 187 -3.18 -1.69 -6.79
C PHE A 187 -3.70 -3.07 -7.14
N TYR A 188 -4.06 -3.83 -6.10
CA TYR A 188 -4.83 -5.05 -6.31
C TYR A 188 -5.70 -5.33 -5.09
N ARG A 189 -6.98 -5.58 -5.33
CA ARG A 189 -7.92 -5.93 -4.24
C ARG A 189 -8.76 -7.15 -4.62
N LEU A 190 -9.00 -8.02 -3.65
CA LEU A 190 -9.89 -9.16 -3.84
C LEU A 190 -11.33 -8.67 -3.82
N ILE A 191 -11.91 -8.60 -5.00
CA ILE A 191 -13.30 -8.18 -5.17
C ILE A 191 -14.25 -9.37 -5.16
N GLY A 192 -13.72 -10.57 -5.34
CA GLY A 192 -14.56 -11.76 -5.35
C GLY A 192 -13.81 -13.06 -5.46
N GLU A 193 -14.56 -14.15 -5.49
CA GLU A 193 -14.02 -15.49 -5.56
C GLU A 193 -15.13 -16.47 -5.91
N PHE A 194 -14.82 -17.45 -6.76
CA PHE A 194 -15.84 -18.41 -7.21
C PHE A 194 -15.38 -19.84 -7.12
N ASP A 195 -16.28 -20.72 -6.67
CA ASP A 195 -15.98 -22.14 -6.61
C ASP A 195 -16.18 -22.79 -7.97
N THR A 196 -15.32 -23.77 -8.23
CA THR A 196 -15.34 -24.53 -9.48
C THR A 196 -15.74 -25.99 -9.22
N HIS A 197 -16.54 -26.54 -10.13
CA HIS A 197 -17.01 -27.94 -10.08
C HIS A 197 -15.90 -28.95 -10.27
N LEU A 198 -14.81 -28.51 -10.91
CA LEU A 198 -13.63 -29.33 -11.12
C LEU A 198 -13.18 -29.87 -9.75
N SER A 199 -12.87 -28.96 -8.83
CA SER A 199 -12.40 -29.31 -7.50
C SER A 199 -12.88 -28.31 -6.45
N PRO A 200 -13.00 -28.74 -5.18
CA PRO A 200 -13.45 -27.87 -4.08
C PRO A 200 -12.50 -26.71 -3.77
N VAL A 201 -11.51 -26.50 -4.64
CA VAL A 201 -10.60 -25.35 -4.57
C VAL A 201 -11.03 -24.25 -5.56
N PRO A 202 -11.59 -23.14 -5.04
CA PRO A 202 -12.11 -22.03 -5.84
C PRO A 202 -11.06 -21.14 -6.50
N ARG A 203 -11.47 -20.51 -7.60
CA ARG A 203 -10.68 -19.55 -8.34
C ARG A 203 -11.07 -18.13 -7.92
N PRO A 204 -10.09 -17.27 -7.61
CA PRO A 204 -10.38 -15.91 -7.15
C PRO A 204 -10.71 -14.92 -8.25
N MET A 205 -11.11 -13.72 -7.83
CA MET A 205 -11.48 -12.62 -8.73
C MET A 205 -10.81 -11.34 -8.24
N TYR A 206 -9.75 -10.91 -8.93
CA TYR A 206 -8.97 -9.75 -8.50
C TYR A 206 -9.25 -8.51 -9.33
N LEU A 207 -8.92 -7.36 -8.75
CA LEU A 207 -9.10 -6.05 -9.37
C LEU A 207 -7.81 -5.24 -9.29
N VAL A 208 -7.27 -4.83 -10.45
CA VAL A 208 -5.99 -4.11 -10.50
C VAL A 208 -6.03 -2.74 -11.15
N SER A 209 -4.96 -1.98 -10.91
CA SER A 209 -4.76 -0.71 -11.57
C SER A 209 -3.35 -0.24 -11.36
N ASN A 210 -2.89 0.61 -12.27
CA ASN A 210 -1.60 1.27 -12.14
C ASN A 210 -1.73 2.80 -12.19
N HIS A 211 -2.95 3.29 -12.00
CA HIS A 211 -3.22 4.73 -12.02
C HIS A 211 -4.18 5.21 -10.94
N ARG A 212 -5.03 4.31 -10.43
CA ARG A 212 -6.09 4.69 -9.51
C ARG A 212 -6.21 3.79 -8.30
N VAL A 213 -6.81 4.36 -7.26
CA VAL A 213 -7.23 3.61 -6.09
C VAL A 213 -8.63 3.11 -6.38
N LEU A 214 -8.82 1.79 -6.33
CA LEU A 214 -10.11 1.19 -6.70
C LEU A 214 -10.77 0.49 -5.52
N ILE A 215 -11.24 1.30 -4.57
CA ILE A 215 -12.03 0.82 -3.42
C ILE A 215 -13.47 0.47 -3.83
N ASN A 216 -14.29 0.08 -2.86
CA ASN A 216 -15.72 -0.10 -3.06
C ASN A 216 -16.27 1.21 -3.60
N ASP A 217 -16.13 2.25 -2.79
CA ASP A 217 -16.70 3.56 -3.12
C ASP A 217 -15.64 4.46 -3.72
N PHE A 218 -14.50 4.60 -3.04
CA PHE A 218 -13.46 5.52 -3.45
C PHE A 218 -12.70 4.98 -4.66
N ASN A 219 -12.99 5.60 -5.81
CA ASN A 219 -12.44 5.19 -7.10
C ASN A 219 -11.73 6.39 -7.72
N GLN A 220 -10.65 6.83 -7.09
CA GLN A 220 -9.92 8.02 -7.54
C GLN A 220 -8.48 7.69 -7.92
N PRO A 221 -7.93 8.44 -8.90
CA PRO A 221 -6.57 8.22 -9.37
C PRO A 221 -5.53 8.78 -8.43
N PHE A 222 -4.35 8.18 -8.47
CA PHE A 222 -3.20 8.67 -7.71
C PHE A 222 -2.12 9.13 -8.64
N GLN A 223 -1.15 9.84 -8.07
CA GLN A 223 -0.02 10.35 -8.82
C GLN A 223 1.11 9.33 -8.72
N HIS A 224 1.66 9.18 -7.52
CA HIS A 224 2.75 8.23 -7.28
C HIS A 224 2.41 7.23 -6.18
N TRP A 225 3.13 6.11 -6.19
CA TRP A 225 2.88 5.00 -5.27
C TRP A 225 4.18 4.27 -4.93
N GLN A 226 4.09 3.39 -3.95
CA GLN A 226 5.26 2.69 -3.45
C GLN A 226 4.93 1.48 -2.58
N ASN A 227 5.91 1.09 -1.76
CA ASN A 227 5.82 -0.11 -0.94
C ASN A 227 6.39 0.08 0.48
N GLN A 228 7.07 1.20 0.71
CA GLN A 228 7.72 1.47 1.99
C GLN A 228 7.19 2.79 2.56
N PRO A 229 7.11 2.87 3.90
CA PRO A 229 6.51 4.05 4.54
C PRO A 229 7.30 5.34 4.32
N TYR A 230 8.63 5.25 4.32
CA TYR A 230 9.47 6.44 4.15
C TYR A 230 10.87 6.13 3.60
N ALA A 231 11.58 7.19 3.25
CA ALA A 231 12.93 7.08 2.72
C ALA A 231 13.85 6.44 3.75
N GLY A 232 14.26 5.21 3.47
CA GLY A 232 15.17 4.47 4.36
C GLY A 232 14.46 3.69 5.45
N ALA A 233 13.25 3.24 5.14
CA ALA A 233 12.46 2.44 6.06
C ALA A 233 12.80 0.96 5.94
N GLY A 234 13.09 0.51 4.72
CA GLY A 234 13.60 -0.83 4.46
C GLY A 234 12.53 -1.88 4.19
N LEU A 235 12.83 -3.11 4.60
CA LEU A 235 11.94 -4.26 4.42
C LEU A 235 11.12 -4.51 5.69
N ALA A 236 11.24 -3.60 6.65
CA ALA A 236 10.69 -3.76 8.01
C ALA A 236 9.30 -4.39 8.10
N HIS A 237 8.48 -4.22 7.07
CA HIS A 237 7.12 -4.74 7.07
C HIS A 237 6.83 -5.72 5.93
N LYS A 238 7.86 -6.47 5.55
CA LYS A 238 7.70 -7.64 4.68
C LYS A 238 6.95 -7.36 3.37
N ARG A 239 7.20 -6.20 2.76
CA ARG A 239 6.58 -5.86 1.47
C ARG A 239 5.04 -5.90 1.49
N SER A 240 4.46 -5.80 2.68
CA SER A 240 3.01 -5.97 2.83
C SER A 240 2.24 -4.66 2.84
N ARG A 241 2.93 -3.58 3.21
CA ARG A 241 2.27 -2.28 3.34
C ARG A 241 2.45 -1.47 2.07
N ARG A 242 1.35 -0.90 1.60
CA ARG A 242 1.35 -0.09 0.40
C ARG A 242 0.82 1.31 0.67
N TYR A 243 1.46 2.28 0.04
CA TYR A 243 1.14 3.68 0.28
C TYR A 243 0.93 4.43 -1.02
N PHE A 244 -0.29 4.97 -1.21
CA PHE A 244 -0.70 5.64 -2.45
C PHE A 244 -0.90 7.14 -2.26
N PHE A 245 -0.31 7.93 -3.15
CA PHE A 245 -0.41 9.40 -3.10
C PHE A 245 -1.79 9.89 -3.61
N GLY A 246 -1.91 11.19 -3.88
CA GLY A 246 -3.14 11.80 -4.39
C GLY A 246 -3.10 13.31 -4.22
N GLU A 247 -3.69 14.05 -5.16
CA GLU A 247 -3.66 15.53 -5.14
C GLU A 247 -4.35 16.11 -3.91
N ASP A 248 -5.37 15.41 -3.43
CA ASP A 248 -6.13 15.83 -2.24
C ASP A 248 -6.41 14.70 -1.25
N TYR A 249 -5.97 13.48 -1.58
CA TYR A 249 -6.13 12.34 -0.67
C TYR A 249 -4.83 11.56 -0.56
N VAL A 250 -4.76 10.75 0.49
CA VAL A 250 -3.68 9.78 0.69
C VAL A 250 -4.26 8.43 1.09
N CYS A 251 -3.65 7.36 0.60
CA CYS A 251 -4.17 6.01 0.85
C CYS A 251 -3.20 5.04 1.50
N LYS A 252 -3.76 4.23 2.40
CA LYS A 252 -3.06 3.11 3.02
C LYS A 252 -3.79 1.82 2.69
N PHE A 253 -2.99 0.79 2.42
CA PHE A 253 -3.51 -0.51 2.05
C PHE A 253 -2.58 -1.57 2.63
N PHE A 254 -3.00 -2.21 3.71
CA PHE A 254 -2.20 -3.28 4.33
C PHE A 254 -2.83 -4.62 4.02
N TYR A 255 -2.00 -5.59 3.66
CA TYR A 255 -2.48 -6.93 3.40
C TYR A 255 -2.35 -7.78 4.63
N TYR A 256 -3.39 -8.57 4.88
CA TYR A 256 -3.43 -9.49 5.99
C TYR A 256 -2.94 -10.86 5.54
N ASP A 257 -2.82 -11.02 4.22
CA ASP A 257 -2.38 -12.29 3.66
C ASP A 257 -1.52 -12.04 2.44
N MET A 258 -0.42 -12.80 2.35
CA MET A 258 0.56 -12.61 1.29
C MET A 258 0.77 -13.87 0.46
N PRO A 259 1.20 -13.69 -0.81
CA PRO A 259 1.55 -14.81 -1.69
C PRO A 259 2.63 -15.71 -1.10
N HIS A 260 2.70 -16.92 -1.64
CA HIS A 260 3.62 -17.95 -1.14
C HIS A 260 3.50 -18.11 0.36
N GLY A 261 4.50 -17.59 1.06
CA GLY A 261 4.66 -17.74 2.49
C GLY A 261 4.75 -16.36 3.08
N ILE A 262 4.62 -16.35 4.40
CA ILE A 262 3.62 -15.49 4.94
C ILE A 262 4.06 -14.52 6.00
N LEU A 263 3.26 -13.47 6.12
CA LEU A 263 3.31 -12.60 7.27
C LEU A 263 2.93 -13.44 8.46
N THR A 264 3.90 -13.67 9.33
CA THR A 264 3.64 -14.42 10.54
C THR A 264 2.58 -13.73 11.37
N ALA A 265 2.05 -14.48 12.32
CA ALA A 265 1.02 -14.00 13.23
C ALA A 265 1.24 -12.53 13.59
N GLU A 266 2.38 -12.21 14.18
CA GLU A 266 2.62 -10.87 14.72
C GLU A 266 2.48 -9.78 13.67
N GLU A 267 3.03 -10.02 12.48
CA GLU A 267 3.04 -8.98 11.44
C GLU A 267 1.64 -8.72 10.94
N SER A 268 0.96 -9.80 10.57
CA SER A 268 -0.42 -9.71 10.10
C SER A 268 -1.28 -9.05 11.16
N GLN A 269 -1.21 -9.59 12.37
CA GLN A 269 -1.98 -9.07 13.49
C GLN A 269 -1.71 -7.59 13.75
N ARG A 270 -0.44 -7.19 13.69
CA ARG A 270 -0.03 -5.83 14.07
C ARG A 270 -0.47 -4.79 13.07
N ASN A 271 -0.47 -5.13 11.80
CA ASN A 271 -0.92 -4.19 10.76
C ASN A 271 -2.44 -4.18 10.68
N LYS A 272 -3.07 -5.27 11.09
CA LYS A 272 -4.50 -5.30 11.35
C LYS A 272 -4.80 -4.39 12.54
N HIS A 273 -4.07 -4.58 13.63
CA HIS A 273 -4.19 -3.79 14.87
C HIS A 273 -3.98 -2.31 14.57
N GLU A 274 -3.00 -2.03 13.72
CA GLU A 274 -2.60 -0.67 13.39
C GLU A 274 -3.71 0.10 12.71
N LEU A 275 -4.30 -0.53 11.69
CA LEU A 275 -5.42 0.07 10.98
C LEU A 275 -6.60 0.30 11.92
N HIS A 276 -7.02 -0.77 12.60
CA HIS A 276 -8.21 -0.70 13.47
C HIS A 276 -8.06 0.33 14.57
N ASN A 277 -6.81 0.54 15.00
CA ASN A 277 -6.50 1.61 15.93
C ASN A 277 -6.73 2.96 15.28
N GLU A 278 -6.21 3.12 14.06
CA GLU A 278 -6.30 4.38 13.34
C GLU A 278 -7.73 4.82 13.10
N ILE A 279 -8.52 3.93 12.50
CA ILE A 279 -9.91 4.25 12.16
C ILE A 279 -10.74 4.58 13.41
N LYS A 280 -10.43 3.88 14.51
CA LYS A 280 -11.14 4.07 15.78
C LYS A 280 -10.70 5.35 16.47
N PHE A 281 -9.52 5.84 16.12
CA PHE A 281 -9.03 7.10 16.65
C PHE A 281 -9.55 8.27 15.83
N LEU A 282 -9.26 8.25 14.52
CA LEU A 282 -9.61 9.37 13.65
C LEU A 282 -11.09 9.69 13.71
N THR A 283 -11.93 8.67 13.80
CA THR A 283 -13.33 8.88 14.13
C THR A 283 -13.46 8.84 15.65
N GLN A 284 -14.08 9.88 16.21
CA GLN A 284 -14.19 10.09 17.66
C GLN A 284 -12.82 10.26 18.34
N PRO A 285 -12.14 11.40 18.09
CA PRO A 285 -10.86 11.72 18.71
C PRO A 285 -11.03 12.74 19.84
N PRO A 286 -9.92 13.11 20.51
CA PRO A 286 -9.96 14.14 21.56
C PRO A 286 -10.20 15.57 21.05
N ALA A 287 -9.98 16.55 21.92
CA ALA A 287 -10.12 17.96 21.57
C ALA A 287 -8.77 18.66 21.50
N GLY A 288 -8.66 19.65 20.61
CA GLY A 288 -7.51 20.55 20.59
C GLY A 288 -6.42 20.19 19.61
N PHE A 289 -6.78 20.18 18.32
CA PHE A 289 -5.84 19.90 17.23
C PHE A 289 -6.48 20.22 15.87
N ASP A 290 -5.76 19.91 14.79
CA ASP A 290 -6.27 20.06 13.42
C ASP A 290 -6.07 18.72 12.70
N ALA A 291 -6.82 17.70 13.13
CA ALA A 291 -6.55 16.33 12.68
C ALA A 291 -7.34 16.08 11.42
N PRO A 292 -6.84 15.19 10.56
CA PRO A 292 -7.46 14.93 9.27
C PRO A 292 -8.73 14.09 9.38
N ALA A 293 -9.64 14.33 8.44
CA ALA A 293 -10.90 13.59 8.35
C ALA A 293 -10.74 12.30 7.54
N VAL A 294 -11.55 11.32 7.91
CA VAL A 294 -11.64 10.06 7.18
C VAL A 294 -12.34 10.26 5.85
N LEU A 295 -11.61 10.05 4.76
CA LEU A 295 -12.19 10.16 3.43
C LEU A 295 -12.80 8.83 3.00
N ALA A 296 -12.17 7.72 3.41
CA ALA A 296 -12.70 6.38 3.15
C ALA A 296 -11.97 5.33 4.00
N HIS A 297 -12.73 4.44 4.61
CA HIS A 297 -12.16 3.34 5.40
C HIS A 297 -12.96 2.08 5.14
N GLY A 298 -12.29 0.94 5.25
CA GLY A 298 -12.94 -0.35 5.02
C GLY A 298 -12.02 -1.54 4.95
N GLU A 299 -12.63 -2.71 5.02
CA GLU A 299 -11.90 -3.96 5.18
C GLU A 299 -12.38 -5.01 4.19
N ASN A 300 -11.47 -5.91 3.85
CA ASN A 300 -11.75 -7.02 2.95
C ASN A 300 -11.16 -8.28 3.56
N ALA A 301 -11.60 -9.43 3.04
CA ALA A 301 -11.12 -10.74 3.50
C ALA A 301 -9.64 -10.77 3.86
N GLN A 302 -8.78 -10.51 2.88
CA GLN A 302 -7.33 -10.61 3.07
C GLN A 302 -6.65 -9.25 3.15
N SER A 303 -7.41 -8.19 2.89
CA SER A 303 -6.84 -6.87 2.69
C SER A 303 -7.61 -5.81 3.49
N GLY A 304 -6.86 -4.93 4.16
CA GLY A 304 -7.45 -3.83 4.91
C GLY A 304 -7.08 -2.46 4.35
N TRP A 305 -8.10 -1.70 3.92
CA TRP A 305 -7.86 -0.44 3.19
C TRP A 305 -8.32 0.82 3.92
N LEU A 306 -7.46 1.83 3.91
CA LEU A 306 -7.76 3.13 4.54
C LEU A 306 -7.33 4.30 3.65
N VAL A 307 -8.16 5.34 3.62
CA VAL A 307 -7.85 6.58 2.88
C VAL A 307 -8.20 7.83 3.68
N MET A 308 -7.27 8.78 3.73
CA MET A 308 -7.49 10.02 4.49
C MET A 308 -7.04 11.26 3.70
N GLU A 309 -7.16 12.43 4.35
CA GLU A 309 -6.79 13.71 3.75
C GLU A 309 -5.30 13.85 3.51
N LYS A 310 -4.94 14.30 2.31
CA LYS A 310 -3.57 14.66 2.00
C LYS A 310 -3.29 16.00 2.67
N LEU A 311 -3.03 15.97 3.97
CA LEU A 311 -2.80 17.20 4.70
C LEU A 311 -1.54 17.86 4.13
N PRO A 312 -1.48 19.19 4.20
CA PRO A 312 -0.54 20.03 3.47
C PRO A 312 0.90 19.94 3.93
N GLY A 313 1.76 20.68 3.24
CA GLY A 313 3.19 20.73 3.53
C GLY A 313 3.86 19.40 3.26
N ARG A 314 5.07 19.25 3.77
CA ARG A 314 5.82 18.02 3.54
C ARG A 314 6.63 17.58 4.75
N LEU A 315 7.18 16.38 4.64
CA LEU A 315 7.83 15.67 5.73
C LEU A 315 9.14 16.33 6.16
N LEU A 316 9.49 16.14 7.43
CA LEU A 316 10.73 16.72 7.97
C LEU A 316 11.92 15.84 7.65
N SER A 317 11.75 14.54 7.79
CA SER A 317 12.86 13.61 7.58
C SER A 317 13.56 13.90 6.25
N ASP A 318 12.76 14.19 5.22
CA ASP A 318 13.29 14.45 3.89
C ASP A 318 13.87 15.86 3.79
N MET A 319 13.32 16.79 4.56
CA MET A 319 13.89 18.12 4.73
C MET A 319 15.29 18.06 5.30
N LEU A 320 15.43 17.39 6.44
CA LEU A 320 16.74 17.19 7.06
C LEU A 320 17.64 16.44 6.09
N ALA A 321 17.07 15.45 5.41
CA ALA A 321 17.78 14.65 4.41
C ALA A 321 18.48 15.53 3.40
N ALA A 322 17.79 16.59 2.96
CA ALA A 322 18.41 17.59 2.10
C ALA A 322 19.13 18.64 2.95
N GLY A 323 18.35 19.52 3.59
CA GLY A 323 18.89 20.59 4.43
C GLY A 323 18.15 21.92 4.33
N GLU A 324 16.89 21.87 3.90
CA GLU A 324 16.09 23.09 3.71
C GLU A 324 15.87 23.72 5.07
N GLU A 325 16.46 24.89 5.28
CA GLU A 325 16.49 25.51 6.61
C GLU A 325 15.10 25.66 7.20
N ILE A 326 14.85 24.89 8.25
CA ILE A 326 13.59 24.87 8.99
C ILE A 326 13.78 25.65 10.28
N ASP A 327 12.81 26.50 10.62
CA ASP A 327 12.90 27.25 11.86
C ASP A 327 12.75 26.29 13.03
N ARG A 328 13.90 26.01 13.63
CA ARG A 328 14.09 25.06 14.71
C ARG A 328 12.95 25.07 15.74
N GLU A 329 12.65 26.27 16.21
CA GLU A 329 11.58 26.55 17.18
C GLU A 329 10.12 26.25 16.80
N LYS A 330 9.65 26.84 15.70
CA LYS A 330 8.20 26.92 15.42
C LYS A 330 7.53 25.56 15.44
N ILE A 331 8.20 24.61 14.79
CA ILE A 331 7.74 23.23 14.71
C ILE A 331 7.52 22.66 16.11
N LEU A 332 8.45 22.97 17.01
CA LEU A 332 8.43 22.41 18.36
C LEU A 332 7.25 22.98 19.12
N GLY A 333 7.09 24.30 19.02
CA GLY A 333 6.00 24.99 19.70
C GLY A 333 4.65 24.33 19.48
N SER A 334 4.26 24.22 18.22
CA SER A 334 2.97 23.64 17.86
C SER A 334 2.86 22.20 18.30
N LEU A 335 3.93 21.45 18.09
CA LEU A 335 3.93 20.05 18.40
C LEU A 335 3.65 19.88 19.87
N LEU A 336 4.38 20.65 20.68
CA LEU A 336 4.22 20.59 22.12
C LEU A 336 2.82 21.00 22.55
N ARG A 337 2.28 22.03 21.92
CA ARG A 337 0.94 22.53 22.28
C ARG A 337 -0.10 21.42 22.16
N SER A 338 -0.10 20.73 21.02
CA SER A 338 -0.99 19.61 20.78
C SER A 338 -0.65 18.45 21.69
N LEU A 339 0.65 18.24 21.83
CA LEU A 339 1.17 17.13 22.59
C LEU A 339 0.71 17.24 24.03
N ALA A 340 0.81 18.46 24.55
CA ALA A 340 0.34 18.75 25.87
C ALA A 340 -1.15 18.43 25.96
N ALA A 341 -1.92 18.96 25.01
CA ALA A 341 -3.37 18.72 24.98
C ALA A 341 -3.64 17.23 25.05
N LEU A 342 -2.84 16.46 24.32
CA LEU A 342 -3.01 15.03 24.31
C LEU A 342 -2.67 14.43 25.69
N GLU A 343 -1.48 14.74 26.19
CA GLU A 343 -1.05 14.24 27.51
C GLU A 343 -2.17 14.48 28.51
N LYS A 344 -2.76 15.67 28.42
CA LYS A 344 -3.87 16.04 29.28
C LYS A 344 -5.03 15.04 29.17
N LYS A 345 -5.45 14.75 27.95
CA LYS A 345 -6.60 13.87 27.73
C LYS A 345 -6.48 12.47 28.33
N GLY A 346 -5.26 11.96 28.37
CA GLY A 346 -5.03 10.57 28.76
C GLY A 346 -4.54 9.69 27.63
N PHE A 347 -4.28 10.29 26.47
CA PHE A 347 -3.78 9.55 25.31
C PHE A 347 -2.26 9.67 25.21
N TRP A 348 -1.67 9.14 24.13
CA TRP A 348 -0.23 9.29 23.86
C TRP A 348 0.20 8.80 22.48
N HIS A 349 1.22 9.45 21.94
CA HIS A 349 1.83 9.00 20.68
C HIS A 349 3.23 8.49 21.00
N ASP A 350 3.44 7.21 20.73
CA ASP A 350 4.68 6.56 21.13
C ASP A 350 5.84 6.83 20.18
N ASP A 351 5.57 6.99 18.89
CA ASP A 351 6.64 7.16 17.92
C ASP A 351 6.96 8.63 17.61
N VAL A 352 7.36 9.37 18.65
CA VAL A 352 7.78 10.76 18.49
C VAL A 352 9.13 10.88 17.76
N ARG A 353 9.10 10.65 16.44
CA ARG A 353 10.31 10.63 15.61
C ARG A 353 10.12 11.49 14.34
N PRO A 354 11.24 12.01 13.78
CA PRO A 354 11.19 13.01 12.70
C PRO A 354 10.55 12.55 11.39
N TRP A 355 10.31 11.24 11.26
CA TRP A 355 9.54 10.72 10.12
C TRP A 355 8.03 10.92 10.31
N ASN A 356 7.65 11.58 11.40
CA ASN A 356 6.23 11.83 11.66
C ASN A 356 5.96 13.30 11.93
N VAL A 357 6.10 14.13 10.91
CA VAL A 357 5.85 15.56 11.06
C VAL A 357 5.52 16.28 9.74
N MET A 358 4.90 17.45 9.86
CA MET A 358 4.60 18.30 8.70
C MET A 358 5.09 19.74 8.89
N VAL A 359 5.34 20.41 7.76
CA VAL A 359 5.89 21.76 7.75
C VAL A 359 5.22 22.61 6.67
N ASP A 360 4.85 23.83 7.03
CA ASP A 360 4.31 24.83 6.08
C ASP A 360 4.99 26.20 6.31
N ALA A 361 4.34 27.28 5.88
CA ALA A 361 4.90 28.64 6.04
C ALA A 361 4.77 29.15 7.48
N ARG A 362 3.99 28.46 8.30
CA ARG A 362 3.89 28.74 9.73
C ARG A 362 4.54 27.65 10.56
N GLN A 363 5.00 26.59 9.90
CA GLN A 363 5.72 25.49 10.54
C GLN A 363 4.89 24.77 11.60
N HIS A 364 3.56 24.91 11.55
CA HIS A 364 2.70 24.28 12.54
C HIS A 364 2.80 22.76 12.42
N ALA A 365 3.77 22.22 13.15
CA ALA A 365 4.08 20.80 13.12
C ALA A 365 2.95 19.97 13.68
N ARG A 366 2.45 19.07 12.85
CA ARG A 366 1.46 18.08 13.25
C ARG A 366 2.00 16.72 12.84
N LEU A 367 1.56 15.68 13.54
CA LEU A 367 2.07 14.32 13.35
C LEU A 367 1.43 13.59 12.18
N ILE A 368 1.95 12.39 11.89
CA ILE A 368 1.33 11.45 10.97
C ILE A 368 1.29 10.07 11.64
N ASP A 369 0.66 9.10 10.98
CA ASP A 369 0.61 7.72 11.45
C ASP A 369 -0.02 7.67 12.84
N PHE A 370 -1.32 7.86 12.84
CA PHE A 370 -2.10 7.84 14.06
C PHE A 370 -2.37 6.44 14.60
N GLY A 371 -1.72 5.44 14.00
CA GLY A 371 -1.72 4.07 14.52
C GLY A 371 -0.72 3.91 15.65
N SER A 372 0.06 4.96 15.89
CA SER A 372 0.98 4.99 17.02
C SER A 372 0.40 5.73 18.22
N ILE A 373 -0.83 6.23 18.10
CA ILE A 373 -1.49 6.88 19.23
C ILE A 373 -1.85 5.82 20.25
N VAL A 374 -0.91 5.59 21.16
CA VAL A 374 -1.13 4.67 22.26
C VAL A 374 -1.75 5.41 23.43
N THR A 375 -2.90 4.93 23.86
CA THR A 375 -3.68 5.60 24.87
C THR A 375 -3.01 5.51 26.23
N THR A 376 -3.01 4.30 26.78
CA THR A 376 -2.75 4.11 28.21
C THR A 376 -1.31 4.58 28.57
N PRO A 377 -0.28 3.90 28.05
CA PRO A 377 1.07 4.12 28.50
C PRO A 377 2.07 4.70 27.55
N GLN A 378 2.85 5.62 28.11
CA GLN A 378 4.16 5.96 27.57
C GLN A 378 4.89 4.69 27.23
N ASP A 379 5.72 4.75 26.20
CA ASP A 379 6.74 3.71 25.99
C ASP A 379 7.57 3.89 24.74
N CYS A 380 6.94 4.15 23.60
CA CYS A 380 7.66 4.32 22.34
C CYS A 380 8.00 2.92 21.79
N SER A 381 9.01 2.87 20.94
CA SER A 381 9.60 1.61 20.50
C SER A 381 10.95 1.47 21.20
N TRP A 382 11.83 2.47 21.03
CA TRP A 382 13.03 2.55 21.89
C TRP A 382 12.93 3.53 23.05
N PRO A 383 13.70 4.64 22.99
CA PRO A 383 14.08 5.33 24.23
C PRO A 383 12.92 5.25 25.20
N THR A 384 13.03 4.35 26.18
CA THR A 384 11.91 4.02 27.05
C THR A 384 11.38 5.30 27.71
N ASN A 385 10.14 5.24 28.18
CA ASN A 385 9.51 6.37 28.86
C ASN A 385 9.72 7.71 28.13
N LEU A 386 9.01 7.79 27.01
CA LEU A 386 8.83 8.99 26.19
C LEU A 386 9.84 10.10 26.29
N VAL A 387 9.82 10.80 27.42
CA VAL A 387 10.55 12.04 27.55
C VAL A 387 11.95 11.90 26.97
N GLN A 388 12.60 10.77 27.25
CA GLN A 388 13.90 10.50 26.65
C GLN A 388 13.84 10.45 25.13
N SER A 389 12.85 9.75 24.57
CA SER A 389 12.67 9.72 23.11
C SER A 389 12.53 11.11 22.56
N PHE A 390 11.84 11.96 23.32
CA PHE A 390 11.73 13.34 22.94
C PHE A 390 13.08 14.01 22.91
N PHE A 391 13.95 13.70 23.87
CA PHE A 391 15.30 14.25 23.89
C PHE A 391 16.02 13.87 22.60
N VAL A 392 15.97 12.59 22.28
CA VAL A 392 16.58 12.07 21.08
C VAL A 392 16.04 12.87 19.92
N PHE A 393 14.72 12.93 19.84
CA PHE A 393 14.05 13.65 18.76
C PHE A 393 14.53 15.08 18.65
N VAL A 394 14.77 15.72 19.80
CA VAL A 394 15.26 17.08 19.79
C VAL A 394 16.66 17.13 19.23
N ASN A 395 17.50 16.20 19.66
CA ASN A 395 18.82 16.08 19.04
C ASN A 395 18.71 15.77 17.54
N GLU A 396 17.80 14.86 17.21
CA GLU A 396 17.51 14.52 15.82
C GLU A 396 17.03 15.74 15.06
N LEU A 397 16.35 16.64 15.76
CA LEU A 397 15.81 17.83 15.15
C LEU A 397 16.90 18.84 14.84
N PHE A 398 17.60 19.29 15.87
CA PHE A 398 18.68 20.26 15.70
C PHE A 398 19.69 19.74 14.66
N ALA A 399 20.31 18.62 15.04
CA ALA A 399 21.30 17.81 14.28
C ALA A 399 22.57 18.54 13.76
N GLU A 400 22.74 18.63 12.44
CA GLU A 400 23.98 19.12 11.83
C GLU A 400 25.23 18.43 12.37
N ASN A 401 25.19 17.11 12.46
CA ASN A 401 26.31 16.34 12.99
C ASN A 401 26.48 14.96 12.36
N LYS A 402 27.32 14.91 11.33
CA LYS A 402 27.72 13.65 10.71
C LYS A 402 26.48 12.94 10.15
N SER A 403 26.47 11.62 10.26
CA SER A 403 25.34 10.80 9.89
C SER A 403 25.43 9.53 10.71
N TRP A 404 24.74 9.55 11.84
CA TRP A 404 24.74 8.44 12.76
C TRP A 404 23.58 7.53 12.41
N ASN A 405 23.85 6.24 12.28
CA ASN A 405 22.79 5.26 12.19
C ASN A 405 23.06 4.12 13.14
N GLY A 406 22.34 4.13 14.25
CA GLY A 406 22.31 3.00 15.15
C GLY A 406 20.91 2.42 15.00
N PHE A 407 20.81 1.11 14.90
CA PHE A 407 19.49 0.51 14.75
C PHE A 407 18.75 0.74 16.04
N TRP A 408 17.92 1.78 16.01
CA TRP A 408 17.33 2.38 17.18
C TRP A 408 17.70 3.83 17.13
N ARG A 409 17.24 4.48 16.08
CA ARG A 409 17.88 5.70 15.68
C ARG A 409 18.00 6.71 16.82
N SER A 410 18.46 7.85 16.34
CA SER A 410 19.89 7.93 16.18
C SER A 410 20.73 8.80 17.07
N ALA A 411 20.27 10.04 17.20
CA ALA A 411 21.03 11.07 17.86
C ALA A 411 21.18 10.81 19.34
N PRO A 412 22.15 11.47 19.98
CA PRO A 412 22.21 11.35 21.41
C PRO A 412 20.89 11.80 22.01
N VAL A 413 20.51 11.12 23.07
CA VAL A 413 19.63 11.67 24.08
C VAL A 413 20.42 12.79 24.76
N HIS A 414 19.71 13.65 25.49
CA HIS A 414 20.29 14.74 26.30
C HIS A 414 20.69 15.97 25.51
N PRO A 415 20.53 17.12 26.14
CA PRO A 415 20.57 18.42 25.47
C PRO A 415 21.93 19.08 25.32
N PHE A 416 22.92 18.58 26.05
CA PHE A 416 24.16 19.32 26.27
C PHE A 416 24.86 19.79 25.01
N ASN A 417 24.79 18.98 23.96
CA ASN A 417 25.20 19.45 22.65
C ASN A 417 24.26 20.50 22.08
N LEU A 418 22.96 20.34 22.34
CA LEU A 418 21.99 21.31 21.83
C LEU A 418 22.44 22.72 22.18
N PRO A 419 22.30 23.64 21.21
CA PRO A 419 22.71 25.00 21.48
C PRO A 419 21.84 25.65 22.54
N GLN A 420 22.31 26.79 23.00
CA GLN A 420 21.63 27.53 24.03
C GLN A 420 20.43 28.41 23.55
N PRO A 421 19.18 27.87 23.87
CA PRO A 421 19.04 27.89 25.32
C PRO A 421 18.34 26.59 25.62
N TRP A 422 18.04 25.80 24.58
CA TRP A 422 17.32 24.55 24.72
C TRP A 422 18.19 23.66 25.59
N SER A 423 19.49 23.73 25.33
CA SER A 423 20.48 23.15 26.22
C SER A 423 19.96 23.20 27.65
N ASN A 424 19.69 24.42 28.09
CA ASN A 424 19.20 24.70 29.44
C ASN A 424 17.85 24.14 29.78
N TRP A 425 16.93 24.23 28.82
CA TRP A 425 15.59 23.75 29.00
C TRP A 425 15.62 22.31 29.46
N LEU A 426 16.40 21.52 28.72
CA LEU A 426 16.41 20.09 28.91
C LEU A 426 17.20 19.66 30.11
N TYR A 427 18.25 20.40 30.46
CA TYR A 427 18.98 20.11 31.68
C TYR A 427 18.05 20.34 32.87
N ALA A 428 17.24 21.40 32.80
CA ALA A 428 16.28 21.70 33.84
C ALA A 428 15.26 20.57 34.03
N VAL A 429 14.74 20.05 32.92
CA VAL A 429 13.82 18.91 32.94
C VAL A 429 14.52 17.70 33.52
N TRP A 430 15.77 17.55 33.07
CA TRP A 430 16.65 16.47 33.42
C TRP A 430 16.87 16.40 34.93
N GLN A 431 17.14 17.55 35.52
CA GLN A 431 17.41 17.64 36.96
C GLN A 431 16.31 16.92 37.71
N GLU A 432 15.09 17.22 37.28
CA GLU A 432 13.88 16.78 37.96
C GLU A 432 13.77 15.26 38.03
N PRO A 433 13.04 14.75 39.02
CA PRO A 433 12.78 13.32 39.10
C PRO A 433 11.88 12.82 37.96
N VAL A 434 12.08 11.56 37.59
CA VAL A 434 11.42 10.97 36.42
C VAL A 434 9.90 10.90 36.60
N GLU A 435 9.44 10.71 37.83
CA GLU A 435 8.01 10.59 38.06
C GLU A 435 7.26 11.84 37.59
N ARG A 436 7.95 12.97 37.59
CA ARG A 436 7.37 14.25 37.14
C ARG A 436 7.50 14.48 35.64
N TRP A 437 8.05 13.49 34.92
CA TRP A 437 8.31 13.62 33.50
C TRP A 437 7.04 13.39 32.70
N ASN A 438 6.23 14.44 32.64
CA ASN A 438 5.09 14.49 31.74
C ASN A 438 5.26 15.67 30.82
N PHE A 439 4.59 15.61 29.68
CA PHE A 439 4.77 16.62 28.65
C PHE A 439 4.25 17.99 29.08
N ALA A 440 3.23 17.98 29.95
CA ALA A 440 2.69 19.21 30.52
C ALA A 440 3.80 20.04 31.13
N LEU A 441 4.70 19.38 31.85
CA LEU A 441 5.84 20.03 32.45
C LEU A 441 6.73 20.67 31.39
N LEU A 442 7.05 19.88 30.37
CA LEU A 442 8.04 20.27 29.38
C LEU A 442 7.64 21.56 28.69
N LEU A 443 6.41 21.59 28.19
CA LEU A 443 5.97 22.74 27.42
C LEU A 443 6.19 23.99 28.26
N ALA A 444 5.84 23.91 29.53
CA ALA A 444 5.86 25.07 30.42
C ALA A 444 7.28 25.50 30.60
N LEU A 445 8.15 24.52 30.83
CA LEU A 445 9.57 24.81 30.90
C LEU A 445 10.01 25.34 29.55
N PHE A 446 9.44 24.79 28.48
CA PHE A 446 9.81 25.16 27.12
C PHE A 446 9.62 26.65 26.95
N GLU A 447 8.46 27.12 27.39
CA GLU A 447 8.06 28.50 27.22
C GLU A 447 8.97 29.53 27.89
N LYS A 448 9.32 29.28 29.15
CA LYS A 448 10.17 30.18 29.92
C LYS A 448 11.63 29.74 29.92
N LYS A 449 12.07 29.19 28.80
CA LYS A 449 13.39 28.58 28.73
C LYS A 449 14.46 29.68 28.66
N ALA A 450 14.07 30.86 28.20
CA ALA A 450 14.98 31.99 28.09
C ALA A 450 15.52 32.41 29.46
N LYS A 451 14.70 32.25 30.50
CA LYS A 451 15.06 32.66 31.86
C LYS A 451 15.73 31.55 32.65
N LEU A 452 16.10 30.47 31.98
CA LEU A 452 16.62 29.30 32.68
C LEU A 452 18.12 29.44 32.89
N PRO A 453 18.66 28.72 33.89
CA PRO A 453 20.09 28.79 34.23
C PRO A 453 20.98 28.35 33.08
N SER A 454 22.29 28.46 33.26
CA SER A 454 23.28 28.27 32.17
C SER A 454 23.46 26.85 31.63
N ALA A 455 22.91 25.84 32.31
CA ALA A 455 22.95 24.45 31.87
C ALA A 455 24.35 23.93 31.69
N GLU A 456 24.96 24.41 30.62
CA GLU A 456 26.25 23.94 30.15
C GLU A 456 27.31 24.05 31.24
N GLN A 457 27.09 24.95 32.20
CA GLN A 457 28.03 25.13 33.31
C GLN A 457 27.87 24.12 34.43
N GLN A 458 26.64 23.93 34.88
CA GLN A 458 26.35 23.19 36.12
C GLN A 458 26.67 21.71 35.96
N ARG A 459 27.28 21.35 34.83
CA ARG A 459 27.47 19.97 34.48
C ARG A 459 28.61 19.45 35.34
N GLY A 460 29.73 19.11 34.72
CA GLY A 460 30.84 18.54 35.46
C GLY A 460 30.50 17.20 36.03
N ALA A 461 31.48 16.29 36.01
CA ALA A 461 31.33 14.99 36.62
C ALA A 461 30.18 14.28 35.96
N THR A 462 30.32 12.97 35.74
CA THR A 462 29.24 12.19 35.18
C THR A 462 28.80 12.81 33.85
N GLU A 463 27.92 13.80 33.97
CA GLU A 463 27.26 14.48 32.87
C GLU A 463 28.15 14.92 31.74
N GLN A 464 29.41 15.20 32.02
CA GLN A 464 30.36 15.42 30.95
C GLN A 464 30.80 14.07 30.44
N TRP A 465 31.16 13.20 31.38
CA TRP A 465 31.66 11.88 31.04
C TRP A 465 30.72 11.20 30.05
N ILE A 466 29.43 11.22 30.35
CA ILE A 466 28.47 10.51 29.51
C ILE A 466 28.26 11.17 28.16
N ILE A 467 28.51 12.47 28.08
CA ILE A 467 28.45 13.10 26.77
C ILE A 467 29.48 12.44 25.90
N ALA A 468 30.70 12.32 26.43
CA ALA A 468 31.78 11.72 25.67
C ALA A 468 31.43 10.28 25.32
N GLN A 469 30.79 9.58 26.23
CA GLN A 469 30.38 8.21 25.97
C GLN A 469 29.23 8.09 24.99
N GLU A 470 28.29 9.02 25.02
CA GLU A 470 27.18 8.95 24.08
C GLU A 470 27.72 9.09 22.66
N THR A 471 28.67 9.99 22.45
CA THR A 471 29.26 10.15 21.11
C THR A 471 30.01 8.89 20.68
N VAL A 472 30.68 8.23 21.62
CA VAL A 472 31.37 6.98 21.30
C VAL A 472 30.37 5.92 20.89
N LEU A 473 29.26 5.84 21.61
CA LEU A 473 28.26 4.80 21.34
C LEU A 473 27.66 4.81 19.96
N LEU A 474 27.27 5.99 19.47
CA LEU A 474 26.70 6.08 18.13
C LEU A 474 27.73 5.70 17.08
N GLU A 475 29.00 6.06 17.31
CA GLU A 475 30.05 5.77 16.32
C GLU A 475 30.20 4.28 16.24
N LEU A 476 30.15 3.66 17.39
CA LEU A 476 30.24 2.21 17.47
C LEU A 476 29.07 1.55 16.81
N GLN A 477 27.86 1.91 17.22
CA GLN A 477 26.71 1.36 16.51
C GLN A 477 26.93 1.67 15.04
N SER A 478 27.23 2.93 14.76
CA SER A 478 27.31 3.36 13.39
C SER A 478 28.22 2.43 12.55
N ARG A 479 29.38 2.07 13.06
CA ARG A 479 30.25 1.15 12.33
C ARG A 479 29.67 -0.25 12.27
N VAL A 480 29.12 -0.72 13.39
CA VAL A 480 28.59 -2.09 13.44
C VAL A 480 27.63 -2.27 12.29
N ARG A 481 26.88 -1.22 11.97
CA ARG A 481 25.93 -1.26 10.89
C ARG A 481 26.65 -1.63 9.58
N ASN A 482 27.75 -0.93 9.29
CA ASN A 482 28.46 -1.14 8.04
C ASN A 482 29.12 -2.51 7.89
N GLU A 483 29.83 -2.97 8.92
CA GLU A 483 30.44 -4.30 8.88
C GLU A 483 29.41 -5.41 8.95
N SER A 484 28.30 -5.13 9.63
CA SER A 484 27.16 -6.04 9.63
C SER A 484 26.60 -6.14 8.22
N ALA A 485 26.56 -4.99 7.55
CA ALA A 485 26.08 -4.91 6.18
C ALA A 485 26.99 -5.65 5.21
N GLY A 486 28.29 -5.53 5.41
CA GLY A 486 29.27 -6.31 4.64
C GLY A 486 29.00 -7.78 4.83
N SER A 487 28.81 -8.18 6.09
CA SER A 487 28.51 -9.57 6.45
C SER A 487 27.22 -10.09 5.79
N GLU A 488 26.14 -9.30 5.88
CA GLU A 488 24.85 -9.66 5.25
C GLU A 488 24.96 -9.79 3.73
N ALA A 489 25.79 -8.95 3.12
CA ALA A 489 26.04 -8.98 1.69
C ALA A 489 26.69 -10.29 1.25
N LEU A 490 27.69 -10.73 2.02
CA LEU A 490 28.35 -12.02 1.78
C LEU A 490 27.41 -13.18 2.05
N ARG A 491 26.55 -13.06 3.05
CA ARG A 491 25.55 -14.10 3.31
C ARG A 491 24.70 -14.27 2.06
N GLY A 492 24.33 -13.14 1.44
CA GLY A 492 23.56 -13.15 0.20
C GLY A 492 24.31 -13.73 -0.98
N GLN A 493 25.58 -13.36 -1.13
CA GLN A 493 26.42 -13.88 -2.22
C GLN A 493 26.74 -15.36 -2.05
N ILE A 494 26.86 -15.82 -0.80
CA ILE A 494 27.15 -17.22 -0.50
C ILE A 494 25.99 -18.14 -0.91
N HIS A 495 24.75 -17.69 -0.70
CA HIS A 495 23.60 -18.47 -1.14
C HIS A 495 23.72 -18.75 -2.64
N THR A 496 23.97 -17.70 -3.42
CA THR A 496 24.10 -17.81 -4.87
C THR A 496 25.07 -18.91 -5.24
N LEU A 497 26.26 -18.89 -4.63
CA LEU A 497 27.33 -19.86 -4.91
C LEU A 497 26.96 -21.30 -4.57
N GLU A 498 26.21 -21.48 -3.48
CA GLU A 498 25.73 -22.81 -3.12
C GLU A 498 24.82 -23.32 -4.21
N GLN A 499 23.89 -22.48 -4.64
CA GLN A 499 23.00 -22.82 -5.75
C GLN A 499 23.83 -23.14 -7.00
N GLN A 500 24.76 -22.25 -7.32
CA GLN A 500 25.62 -22.37 -8.51
C GLN A 500 26.24 -23.75 -8.67
N MET A 501 26.69 -24.33 -7.56
CA MET A 501 27.33 -25.62 -7.61
C MET A 501 26.38 -26.64 -8.24
N ALA A 502 25.11 -26.60 -7.82
CA ALA A 502 24.11 -27.53 -8.36
C ALA A 502 23.90 -27.33 -9.86
N GLN A 503 23.88 -26.07 -10.29
CA GLN A 503 23.76 -25.74 -11.71
C GLN A 503 24.97 -26.26 -12.48
N LEU A 504 26.15 -26.08 -11.89
CA LEU A 504 27.39 -26.52 -12.51
C LEU A 504 27.56 -28.03 -12.59
N GLN A 505 27.09 -28.73 -11.55
CA GLN A 505 27.07 -30.19 -11.57
C GLN A 505 26.16 -30.67 -12.70
N SAM B . -13.33 -14.70 -20.22
CA SAM B . -14.50 -15.42 -20.72
C SAM B . -15.42 -15.81 -19.61
O SAM B . -14.98 -16.12 -18.47
OXT SAM B . -16.65 -15.82 -19.85
CB SAM B . -14.09 -16.66 -21.53
CG SAM B . -13.52 -17.79 -20.68
SD SAM B . -12.87 -18.99 -21.63
CE SAM B . -12.59 -20.34 -20.71
C5' SAM B . -11.41 -18.51 -22.29
C4' SAM B . -11.51 -18.28 -23.80
O4' SAM B . -10.39 -17.52 -24.29
C3' SAM B . -11.55 -19.60 -24.57
O3' SAM B . -12.74 -19.65 -25.39
C2' SAM B . -10.29 -19.63 -25.43
O2' SAM B . -10.63 -20.04 -26.76
C1' SAM B . -9.73 -18.19 -25.40
N9 SAM B . -8.24 -18.10 -25.30
C8 SAM B . -7.40 -18.91 -24.61
N7 SAM B . -6.11 -18.52 -24.76
C5 SAM B . -6.10 -17.45 -25.57
C6 SAM B . -5.07 -16.56 -26.13
N6 SAM B . -3.76 -16.75 -25.85
N1 SAM B . -5.49 -15.55 -26.93
C2 SAM B . -6.80 -15.36 -27.22
N3 SAM B . -7.78 -16.13 -26.74
C4 SAM B . -7.51 -17.18 -25.93
#